data_5ZW4
#
_entry.id   5ZW4
#
_cell.length_a   64.982
_cell.length_b   64.982
_cell.length_c   126.680
_cell.angle_alpha   90.000
_cell.angle_beta   90.000
_cell.angle_gamma   120.000
#
_symmetry.space_group_name_H-M   'P 32 2 1'
#
loop_
_entity.id
_entity.type
_entity.pdbx_description
1 polymer 'Putative O-methyltransferase YrrM'
2 polymer "RNA (5'-R(*CP*CP*UP*GP*CP*UP*UP*UP*GP*CP*AP*CP*GP*CP*AP*GP*G)-3')"
3 non-polymer 'PHOSPHATE ION'
4 non-polymer S-ADENOSYLMETHIONINE
5 water water
#
loop_
_entity_poly.entity_id
_entity_poly.type
_entity_poly.pdbx_seq_one_letter_code
_entity_poly.pdbx_strand_id
1 'polypeptide(L)'
;MTDRYEQINDYIEALLKPRPDNVKRLEAYAEEHHVPIMEKAGMEVLLQILSVKQPKKILEIGTAIGYSAIRMALELPSAE
IYTIERNEKRHEEAVNNIKEFQLDDRIHVFYGDALELADAVHVTAPYDVIFIDAAKGQYQNFFHLYEPMLSPDGVIITDN
VLFKGLVAEDYSKIEPKRRRRLVAKIDEYNHWLMNHPDYQTAIIPVGDGLAISKKKRGHHHHHHG
;
A
2 'polyribonucleotide' CCUGCUUUGCACGCAGG D
#
loop_
_chem_comp.id
_chem_comp.type
_chem_comp.name
_chem_comp.formula
A RNA linking ADENOSINE-5'-MONOPHOSPHATE 'C10 H14 N5 O7 P'
C RNA linking CYTIDINE-5'-MONOPHOSPHATE 'C9 H14 N3 O8 P'
G RNA linking GUANOSINE-5'-MONOPHOSPHATE 'C10 H14 N5 O8 P'
PO4 non-polymer 'PHOSPHATE ION' 'O4 P -3'
SAM non-polymer S-ADENOSYLMETHIONINE 'C15 H22 N6 O5 S'
U RNA linking URIDINE-5'-MONOPHOSPHATE 'C9 H13 N2 O9 P'
#
# COMPACT_ATOMS: atom_id res chain seq x y z
N THR A 2 -20.69 -5.04 16.38
CA THR A 2 -19.31 -4.51 16.28
C THR A 2 -18.50 -5.01 17.47
N ASP A 3 -17.22 -5.33 17.24
CA ASP A 3 -16.26 -5.67 18.31
C ASP A 3 -15.29 -4.51 18.61
N ARG A 4 -14.39 -4.72 19.55
CA ARG A 4 -13.41 -3.71 19.89
C ARG A 4 -12.70 -3.22 18.64
N TYR A 5 -12.27 -4.16 17.82
CA TYR A 5 -11.40 -3.82 16.73
C TYR A 5 -12.16 -2.87 15.80
N GLU A 6 -13.41 -3.19 15.50
CA GLU A 6 -14.22 -2.35 14.67
C GLU A 6 -14.52 -1.01 15.36
N GLN A 7 -14.79 -1.07 16.64
CA GLN A 7 -15.21 0.16 17.35
C GLN A 7 -14.06 1.16 17.37
N ILE A 8 -12.86 0.64 17.60
CA ILE A 8 -11.67 1.47 17.60
C ILE A 8 -11.48 2.07 16.24
N ASN A 9 -11.57 1.25 15.17
CA ASN A 9 -11.46 1.81 13.84
C ASN A 9 -12.48 2.90 13.58
N ASP A 10 -13.72 2.67 13.98
CA ASP A 10 -14.72 3.70 13.73
C ASP A 10 -14.45 4.98 14.53
N TYR A 11 -13.91 4.79 15.73
CA TYR A 11 -13.61 5.92 16.61
C TYR A 11 -12.52 6.75 15.96
N ILE A 12 -11.45 6.10 15.49
CA ILE A 12 -10.43 6.85 14.79
C ILE A 12 -10.97 7.63 13.58
N GLU A 13 -11.77 6.96 12.74
CA GLU A 13 -12.29 7.61 11.55
C GLU A 13 -13.12 8.83 11.91
N ALA A 14 -13.82 8.75 13.03
CA ALA A 14 -14.62 9.88 13.45
C ALA A 14 -13.74 11.03 13.96
N LEU A 15 -12.52 10.80 14.44
CA LEU A 15 -11.64 11.88 14.90
C LEU A 15 -10.93 12.59 13.77
N LEU A 16 -10.99 12.05 12.56
CA LEU A 16 -10.19 12.62 11.48
C LEU A 16 -10.56 14.01 11.04
N LYS A 17 -9.54 14.78 10.74
CA LYS A 17 -9.83 16.06 10.13
C LYS A 17 -10.43 15.80 8.75
N PRO A 18 -11.31 16.69 8.34
CA PRO A 18 -11.93 16.72 7.03
C PRO A 18 -10.88 16.74 5.92
N ARG A 19 -11.10 15.95 4.88
CA ARG A 19 -10.22 15.97 3.71
C ARG A 19 -10.74 17.06 2.77
N PRO A 20 -9.89 17.55 1.86
CA PRO A 20 -10.33 18.49 0.86
C PRO A 20 -11.44 17.90 0.01
N ASP A 21 -12.34 18.74 -0.48
CA ASP A 21 -13.45 18.30 -1.30
C ASP A 21 -13.03 17.40 -2.45
N ASN A 22 -11.90 17.69 -3.06
CA ASN A 22 -11.55 16.85 -4.21
C ASN A 22 -11.13 15.42 -3.83
N VAL A 23 -10.47 15.33 -2.69
CA VAL A 23 -10.08 14.03 -2.12
C VAL A 23 -11.34 13.35 -1.65
N LYS A 24 -12.23 14.12 -1.04
CA LYS A 24 -13.51 13.52 -0.65
C LYS A 24 -14.26 12.93 -1.83
N ARG A 25 -14.22 13.59 -2.97
CA ARG A 25 -14.87 13.00 -4.14
C ARG A 25 -14.26 11.67 -4.51
N LEU A 26 -12.94 11.54 -4.43
CA LEU A 26 -12.35 10.24 -4.77
C LEU A 26 -12.80 9.18 -3.79
N GLU A 27 -12.88 9.52 -2.51
CA GLU A 27 -13.27 8.52 -1.51
C GLU A 27 -14.71 8.04 -1.77
N ALA A 28 -15.55 9.01 -2.11
CA ALA A 28 -16.97 8.71 -2.34
C ALA A 28 -17.16 7.86 -3.61
N TYR A 29 -16.43 8.19 -4.67
CA TYR A 29 -16.41 7.31 -5.83
C TYR A 29 -16.00 5.88 -5.54
N ALA A 30 -14.89 5.71 -4.83
CA ALA A 30 -14.46 4.38 -4.45
C ALA A 30 -15.47 3.60 -3.63
N GLU A 31 -16.17 4.32 -2.74
CA GLU A 31 -17.17 3.71 -1.89
C GLU A 31 -18.38 3.32 -2.74
N GLU A 32 -18.95 4.27 -3.49
CA GLU A 32 -20.01 3.99 -4.47
C GLU A 32 -19.65 2.79 -5.31
N HIS A 33 -18.43 2.74 -5.85
CA HIS A 33 -18.09 1.73 -6.86
C HIS A 33 -17.37 0.47 -6.40
N HIS A 34 -17.30 0.24 -5.09
CA HIS A 34 -16.43 -0.78 -4.50
C HIS A 34 -15.04 -0.92 -5.14
N VAL A 35 -14.38 0.20 -5.42
CA VAL A 35 -12.94 0.14 -5.68
C VAL A 35 -12.17 0.08 -4.36
N PRO A 36 -11.31 -0.93 -4.17
CA PRO A 36 -10.66 -0.99 -2.87
C PRO A 36 -9.73 0.22 -2.85
N ILE A 37 -9.75 0.98 -1.76
CA ILE A 37 -8.75 2.03 -1.62
C ILE A 37 -8.30 1.85 -0.19
N MET A 38 -7.13 2.38 0.15
CA MET A 38 -6.63 2.21 1.52
C MET A 38 -7.65 2.68 2.54
N GLU A 39 -7.84 1.95 3.61
CA GLU A 39 -8.75 2.38 4.67
C GLU A 39 -8.24 3.64 5.36
N LYS A 40 -9.17 4.46 5.83
CA LYS A 40 -8.88 5.83 6.23
C LYS A 40 -7.83 5.86 7.33
N ALA A 41 -8.01 5.00 8.34
CA ALA A 41 -7.11 5.03 9.47
C ALA A 41 -5.71 4.58 9.08
N GLY A 42 -5.61 3.60 8.18
CA GLY A 42 -4.27 3.18 7.69
C GLY A 42 -3.58 4.25 6.89
N MET A 43 -4.37 4.96 6.09
CA MET A 43 -3.83 6.00 5.24
C MET A 43 -3.26 7.07 6.15
N GLU A 44 -3.94 7.45 7.23
CA GLU A 44 -3.36 8.45 8.11
C GLU A 44 -2.03 8.04 8.71
N VAL A 45 -1.87 6.76 9.04
CA VAL A 45 -0.62 6.31 9.60
C VAL A 45 0.50 6.29 8.56
N LEU A 46 0.16 5.84 7.35
CA LEU A 46 1.08 5.90 6.23
C LEU A 46 1.58 7.31 5.99
N LEU A 47 0.64 8.27 5.99
CA LEU A 47 1.02 9.64 5.77
C LEU A 47 1.91 10.24 6.81
N GLN A 48 1.64 9.85 8.04
CA GLN A 48 2.45 10.37 9.15
C GLN A 48 3.86 9.77 9.09
N ILE A 49 3.97 8.47 8.80
CA ILE A 49 5.30 7.86 8.59
C ILE A 49 6.04 8.55 7.48
N LEU A 50 5.36 8.85 6.38
CA LEU A 50 5.95 9.59 5.29
C LEU A 50 6.33 11.02 5.64
N SER A 51 5.50 11.69 6.42
CA SER A 51 5.86 13.02 6.84
C SER A 51 7.09 13.05 7.73
N VAL A 52 7.28 12.02 8.55
CA VAL A 52 8.54 11.95 9.30
C VAL A 52 9.74 11.68 8.41
N LYS A 53 9.61 10.73 7.48
CA LYS A 53 10.69 10.31 6.62
C LYS A 53 11.08 11.34 5.55
N GLN A 54 10.10 12.05 5.01
CA GLN A 54 10.28 13.05 3.95
C GLN A 54 10.99 12.41 2.76
N PRO A 55 10.43 11.32 2.23
CA PRO A 55 11.06 10.71 1.05
C PRO A 55 11.05 11.59 -0.18
N LYS A 56 12.09 11.45 -1.01
CA LYS A 56 12.09 12.13 -2.31
C LYS A 56 11.44 11.31 -3.41
N LYS A 57 11.55 9.98 -3.31
CA LYS A 57 11.05 9.15 -4.38
C LYS A 57 10.33 7.95 -3.80
N ILE A 58 9.14 7.66 -4.33
CA ILE A 58 8.29 6.62 -3.79
C ILE A 58 7.88 5.72 -4.93
N LEU A 59 7.93 4.42 -4.68
CA LEU A 59 7.41 3.40 -5.63
C LEU A 59 6.18 2.81 -4.95
N GLU A 60 5.06 2.74 -5.68
CA GLU A 60 3.87 2.12 -5.16
C GLU A 60 3.44 1.02 -6.13
N ILE A 61 3.21 -0.17 -5.58
CA ILE A 61 2.69 -1.30 -6.33
C ILE A 61 1.21 -1.42 -6.05
N GLY A 62 0.37 -1.09 -7.04
CA GLY A 62 -1.05 -1.14 -6.85
C GLY A 62 -1.73 0.20 -6.78
N THR A 63 -1.89 0.87 -7.92
CA THR A 63 -2.43 2.23 -7.92
C THR A 63 -3.94 2.32 -7.65
N ALA A 64 -4.68 1.33 -8.14
CA ALA A 64 -6.12 1.46 -8.32
C ALA A 64 -6.49 2.75 -9.02
N ILE A 65 -7.31 3.62 -8.42
CA ILE A 65 -7.68 4.83 -9.12
C ILE A 65 -6.85 6.03 -8.71
N GLY A 66 -5.73 5.82 -8.03
CA GLY A 66 -4.81 6.94 -7.82
C GLY A 66 -4.91 7.56 -6.45
N TYR A 67 -5.86 7.14 -5.63
CA TYR A 67 -6.09 7.78 -4.33
C TYR A 67 -4.88 7.82 -3.41
N SER A 68 -4.26 6.69 -3.14
CA SER A 68 -3.11 6.71 -2.22
C SER A 68 -1.94 7.51 -2.80
N ALA A 69 -1.72 7.42 -4.12
CA ALA A 69 -0.64 8.22 -4.71
C ALA A 69 -0.89 9.72 -4.58
N ILE A 70 -2.15 10.08 -4.86
CA ILE A 70 -2.55 11.48 -4.71
C ILE A 70 -2.35 12.07 -3.33
N ARG A 71 -2.87 11.36 -2.33
CA ARG A 71 -2.67 11.75 -0.95
C ARG A 71 -1.22 11.83 -0.58
N MET A 72 -0.42 10.85 -1.00
CA MET A 72 1.01 10.98 -0.72
C MET A 72 1.62 12.23 -1.33
N ALA A 73 1.25 12.51 -2.56
CA ALA A 73 1.85 13.65 -3.22
C ALA A 73 1.39 14.97 -2.62
N LEU A 74 0.15 15.01 -2.16
CA LEU A 74 -0.34 16.25 -1.53
C LEU A 74 0.40 16.42 -0.20
N GLU A 75 0.79 15.35 0.49
CA GLU A 75 1.49 15.41 1.80
C GLU A 75 2.94 15.85 1.57
N LEU A 76 3.51 15.49 0.42
CA LEU A 76 4.92 15.65 0.12
C LEU A 76 5.09 16.41 -1.20
N PRO A 77 5.07 17.75 -1.17
CA PRO A 77 4.93 18.44 -2.45
C PRO A 77 6.16 18.33 -3.31
N SER A 78 7.27 17.89 -2.74
CA SER A 78 8.48 17.68 -3.53
C SER A 78 8.68 16.26 -4.05
N ALA A 79 7.89 15.30 -3.58
CA ALA A 79 8.18 13.91 -3.89
C ALA A 79 7.76 13.54 -5.34
N GLU A 80 8.50 12.61 -5.93
CA GLU A 80 8.03 12.00 -7.17
C GLU A 80 7.61 10.57 -6.86
N ILE A 81 6.49 10.17 -7.43
CA ILE A 81 5.88 8.88 -7.17
C ILE A 81 5.75 8.10 -8.47
N TYR A 82 6.18 6.84 -8.46
CA TYR A 82 6.06 5.89 -9.56
C TYR A 82 5.13 4.79 -9.02
N THR A 83 4.06 4.54 -9.75
CA THR A 83 3.01 3.65 -9.27
C THR A 83 2.67 2.67 -10.39
N ILE A 84 2.25 1.46 -10.07
CA ILE A 84 2.05 0.43 -11.08
C ILE A 84 0.64 -0.10 -10.92
N GLU A 85 -0.10 -0.26 -12.02
CA GLU A 85 -1.45 -0.81 -11.97
C GLU A 85 -1.68 -1.76 -13.14
N ARG A 86 -2.01 -3.02 -12.90
N ARG A 86 -2.11 -2.97 -12.83
CA ARG A 86 -2.27 -3.97 -13.99
CA ARG A 86 -2.33 -4.04 -13.79
C ARG A 86 -3.65 -3.93 -14.66
C ARG A 86 -3.62 -3.94 -14.61
N ASN A 87 -4.64 -3.33 -14.03
CA ASN A 87 -5.97 -3.31 -14.62
C ASN A 87 -6.10 -2.09 -15.52
N GLU A 88 -6.42 -2.31 -16.79
CA GLU A 88 -6.26 -1.18 -17.70
C GLU A 88 -7.30 -0.11 -17.43
N LYS A 89 -8.52 -0.51 -17.07
CA LYS A 89 -9.49 0.55 -16.76
C LYS A 89 -9.15 1.41 -15.53
N ARG A 90 -8.68 0.77 -14.46
CA ARG A 90 -8.15 1.52 -13.31
C ARG A 90 -6.96 2.42 -13.65
N HIS A 91 -6.10 1.90 -14.50
CA HIS A 91 -4.90 2.63 -14.91
C HIS A 91 -5.39 3.93 -15.51
N GLU A 92 -6.38 3.83 -16.42
CA GLU A 92 -6.93 5.00 -17.08
C GLU A 92 -7.59 6.00 -16.15
N GLU A 93 -8.39 5.49 -15.23
CA GLU A 93 -8.98 6.33 -14.18
C GLU A 93 -7.92 7.03 -13.31
N ALA A 94 -6.87 6.30 -12.96
CA ALA A 94 -5.81 6.88 -12.14
C ALA A 94 -5.14 8.03 -12.88
N VAL A 95 -4.82 7.78 -14.14
CA VAL A 95 -4.14 8.81 -14.91
C VAL A 95 -5.00 10.08 -15.01
N ASN A 96 -6.30 9.87 -15.20
CA ASN A 96 -7.26 10.94 -15.34
C ASN A 96 -7.46 11.66 -14.01
N ASN A 97 -7.53 10.96 -12.88
CA ASN A 97 -7.59 11.63 -11.57
C ASN A 97 -6.34 12.41 -11.26
N ILE A 98 -5.17 11.85 -11.59
CA ILE A 98 -3.93 12.53 -11.38
C ILE A 98 -3.88 13.82 -12.19
N LYS A 99 -4.32 13.75 -13.45
CA LYS A 99 -4.35 14.94 -14.28
C LYS A 99 -5.29 16.00 -13.72
N GLU A 100 -6.47 15.62 -13.26
CA GLU A 100 -7.35 16.57 -12.60
C GLU A 100 -6.76 17.29 -11.40
N PHE A 101 -6.06 16.56 -10.53
CA PHE A 101 -5.34 17.17 -9.44
C PHE A 101 -4.12 17.94 -9.88
N GLN A 102 -3.79 17.89 -11.16
CA GLN A 102 -2.61 18.61 -11.64
C GLN A 102 -1.30 18.10 -11.02
N LEU A 103 -1.27 16.78 -10.92
CA LEU A 103 -0.09 16.16 -10.35
C LEU A 103 0.63 15.28 -11.36
N ASP A 104 0.31 15.38 -12.65
CA ASP A 104 0.93 14.44 -13.57
C ASP A 104 2.38 14.72 -13.84
N ASP A 105 2.92 15.83 -13.37
CA ASP A 105 4.36 16.00 -13.49
C ASP A 105 5.14 15.22 -12.45
N ARG A 106 4.48 14.76 -11.39
CA ARG A 106 5.19 14.15 -10.26
C ARG A 106 4.72 12.73 -9.96
N ILE A 107 3.58 12.33 -10.51
CA ILE A 107 3.08 10.97 -10.34
C ILE A 107 2.96 10.27 -11.68
N HIS A 108 3.64 9.15 -11.80
CA HIS A 108 3.76 8.48 -13.10
C HIS A 108 3.30 7.06 -12.92
N VAL A 109 2.35 6.65 -13.75
CA VAL A 109 1.62 5.43 -13.56
C VAL A 109 1.95 4.47 -14.68
N PHE A 110 2.62 3.38 -14.33
CA PHE A 110 2.90 2.33 -15.29
C PHE A 110 1.70 1.40 -15.36
N TYR A 111 1.44 0.95 -16.58
CA TYR A 111 0.50 -0.10 -16.88
C TYR A 111 1.14 -1.45 -17.00
N GLY A 112 0.63 -2.35 -16.18
CA GLY A 112 1.03 -3.74 -16.28
C GLY A 112 1.20 -4.43 -14.96
N ASP A 113 1.63 -5.68 -15.03
CA ASP A 113 1.92 -6.47 -13.85
C ASP A 113 3.29 -6.07 -13.32
N ALA A 114 3.33 -5.67 -12.04
CA ALA A 114 4.58 -5.24 -11.44
C ALA A 114 5.66 -6.30 -11.52
N LEU A 115 5.31 -7.59 -11.53
CA LEU A 115 6.32 -8.64 -11.62
C LEU A 115 7.02 -8.63 -12.98
N GLU A 116 6.45 -7.93 -13.96
CA GLU A 116 7.01 -7.88 -15.29
C GLU A 116 7.64 -6.54 -15.67
N LEU A 117 7.67 -5.57 -14.76
CA LEU A 117 8.05 -4.20 -15.06
C LEU A 117 9.31 -3.76 -14.34
N ALA A 118 10.08 -4.70 -13.80
CA ALA A 118 11.23 -4.30 -13.03
C ALA A 118 12.23 -3.46 -13.80
N ASP A 119 12.46 -3.82 -15.06
CA ASP A 119 13.45 -3.11 -15.87
C ASP A 119 13.02 -1.66 -16.06
N ALA A 120 11.74 -1.44 -16.33
CA ALA A 120 11.24 -0.10 -16.43
C ALA A 120 11.41 0.67 -15.13
N VAL A 121 11.00 0.07 -14.01
CA VAL A 121 11.03 0.76 -12.73
C VAL A 121 12.45 1.07 -12.29
N HIS A 122 13.38 0.20 -12.69
CA HIS A 122 14.78 0.38 -12.33
C HIS A 122 15.38 1.66 -12.89
N VAL A 123 14.80 2.18 -13.99
CA VAL A 123 15.37 3.38 -14.60
C VAL A 123 15.35 4.56 -13.62
N THR A 124 14.32 4.59 -12.76
CA THR A 124 14.15 5.64 -11.78
C THR A 124 14.44 5.21 -10.34
N ALA A 125 15.11 4.08 -10.16
CA ALA A 125 15.61 3.69 -8.85
C ALA A 125 16.79 4.58 -8.51
N PRO A 126 17.13 4.75 -7.23
CA PRO A 126 16.51 4.05 -6.07
C PRO A 126 15.33 4.81 -5.47
N TYR A 127 14.57 4.10 -4.63
CA TYR A 127 13.34 4.64 -4.05
C TYR A 127 13.55 4.69 -2.52
N ASP A 128 13.16 5.80 -1.94
CA ASP A 128 13.26 5.95 -0.48
C ASP A 128 12.14 5.25 0.25
N VAL A 129 11.01 5.09 -0.42
CA VAL A 129 9.92 4.28 0.10
C VAL A 129 9.37 3.37 -0.98
N ILE A 130 9.12 2.11 -0.66
CA ILE A 130 8.37 1.25 -1.58
C ILE A 130 7.12 0.79 -0.85
N PHE A 131 5.95 1.03 -1.43
CA PHE A 131 4.68 0.72 -0.79
C PHE A 131 4.06 -0.42 -1.60
N ILE A 132 3.91 -1.57 -0.99
CA ILE A 132 3.27 -2.71 -1.57
C ILE A 132 1.82 -2.78 -1.18
N ASP A 133 0.93 -2.56 -2.15
CA ASP A 133 -0.49 -2.47 -1.87
C ASP A 133 -1.30 -3.23 -2.94
N ALA A 134 -0.82 -4.40 -3.34
CA ALA A 134 -1.50 -5.19 -4.39
C ALA A 134 -1.46 -6.69 -4.08
N ALA A 135 -2.20 -7.47 -4.84
CA ALA A 135 -2.04 -8.93 -4.95
C ALA A 135 -1.59 -9.67 -3.69
N LYS A 136 -2.62 -10.02 -2.91
CA LYS A 136 -2.45 -10.70 -1.65
C LYS A 136 -1.42 -11.82 -1.70
N GLY A 137 -1.48 -12.62 -2.75
CA GLY A 137 -0.63 -13.82 -2.74
C GLY A 137 0.79 -13.60 -3.20
N GLN A 138 1.17 -12.35 -3.44
CA GLN A 138 2.41 -12.08 -4.17
C GLN A 138 3.36 -11.17 -3.35
N TYR A 139 3.16 -10.95 -2.06
CA TYR A 139 3.98 -9.97 -1.37
C TYR A 139 5.47 -10.30 -1.38
N GLN A 140 5.82 -11.57 -1.13
CA GLN A 140 7.22 -11.96 -1.10
C GLN A 140 7.88 -11.77 -2.44
N ASN A 141 7.14 -12.11 -3.49
CA ASN A 141 7.64 -11.86 -4.84
C ASN A 141 7.95 -10.38 -5.14
N PHE A 142 7.02 -9.51 -4.78
CA PHE A 142 7.25 -8.03 -4.92
C PHE A 142 8.44 -7.60 -4.10
N PHE A 143 8.57 -8.10 -2.86
CA PHE A 143 9.66 -7.70 -2.01
C PHE A 143 10.97 -8.12 -2.64
N HIS A 144 11.04 -9.35 -3.12
CA HIS A 144 12.34 -9.76 -3.62
C HIS A 144 12.69 -8.95 -4.88
N LEU A 145 11.71 -8.65 -5.73
CA LEU A 145 11.95 -7.99 -6.98
C LEU A 145 12.37 -6.55 -6.79
N TYR A 146 11.77 -5.88 -5.80
CA TYR A 146 11.92 -4.44 -5.68
C TYR A 146 12.81 -3.99 -4.54
N GLU A 147 12.95 -4.81 -3.49
CA GLU A 147 13.90 -4.44 -2.45
C GLU A 147 15.31 -4.04 -2.86
N PRO A 148 15.87 -4.62 -3.93
CA PRO A 148 17.21 -4.18 -4.33
C PRO A 148 17.20 -2.74 -4.82
N MET A 149 16.02 -2.22 -5.15
CA MET A 149 15.88 -0.83 -5.57
C MET A 149 15.72 0.21 -4.47
N LEU A 150 15.72 -0.25 -3.23
CA LEU A 150 15.49 0.66 -2.11
C LEU A 150 16.77 1.44 -1.78
N SER A 151 16.64 2.71 -1.51
CA SER A 151 17.72 3.52 -0.99
C SER A 151 18.23 2.97 0.35
N PRO A 152 19.50 3.22 0.63
CA PRO A 152 20.09 2.84 1.92
C PRO A 152 19.23 2.89 3.17
N ASP A 153 18.65 4.05 3.42
CA ASP A 153 17.88 4.11 4.69
C ASP A 153 16.40 3.95 4.36
N GLY A 154 16.09 3.27 3.26
CA GLY A 154 14.71 3.30 2.83
C GLY A 154 13.78 2.46 3.70
N VAL A 155 12.50 2.67 3.43
CA VAL A 155 11.46 1.94 4.13
C VAL A 155 10.59 1.24 3.10
N ILE A 156 10.27 -0.02 3.39
CA ILE A 156 9.29 -0.79 2.66
C ILE A 156 8.02 -0.97 3.46
N ILE A 157 6.89 -0.59 2.92
CA ILE A 157 5.66 -0.68 3.70
C ILE A 157 4.78 -1.66 2.95
N THR A 158 4.32 -2.71 3.64
CA THR A 158 3.38 -3.64 3.06
C THR A 158 1.99 -3.46 3.65
N ASP A 159 0.99 -3.32 2.80
CA ASP A 159 -0.38 -3.22 3.33
C ASP A 159 -1.09 -4.57 3.38
N ASN A 160 -2.16 -4.66 4.17
N ASN A 160 -2.19 -4.62 4.12
CA ASN A 160 -2.96 -5.88 4.18
CA ASN A 160 -2.99 -5.85 4.27
C ASN A 160 -2.21 -7.12 4.67
C ASN A 160 -2.21 -7.09 4.67
N VAL A 161 -1.49 -6.98 5.76
CA VAL A 161 -0.73 -8.11 6.32
C VAL A 161 -1.55 -8.79 7.43
N LEU A 162 -2.73 -8.29 7.79
CA LEU A 162 -3.56 -8.93 8.80
C LEU A 162 -4.84 -9.53 8.24
N PHE A 163 -5.26 -9.16 7.03
CA PHE A 163 -6.43 -9.75 6.37
C PHE A 163 -7.64 -9.89 7.29
N LYS A 164 -8.06 -8.74 7.81
CA LYS A 164 -9.22 -8.64 8.71
C LYS A 164 -9.06 -9.34 10.05
N GLY A 165 -7.83 -9.63 10.41
CA GLY A 165 -7.56 -10.43 11.61
C GLY A 165 -7.52 -11.93 11.36
N LEU A 166 -7.85 -12.35 10.15
CA LEU A 166 -7.93 -13.77 9.84
C LEU A 166 -6.53 -14.42 10.01
N VAL A 167 -5.50 -13.67 9.68
N VAL A 167 -5.45 -13.73 9.71
CA VAL A 167 -4.15 -14.21 9.83
CA VAL A 167 -4.13 -14.35 9.91
C VAL A 167 -3.77 -14.53 11.26
C VAL A 167 -3.81 -14.68 11.35
N ALA A 168 -4.47 -13.97 12.26
CA ALA A 168 -4.09 -14.06 13.67
C ALA A 168 -4.96 -15.06 14.36
N GLU A 169 -5.91 -15.64 13.64
CA GLU A 169 -6.72 -16.67 14.24
C GLU A 169 -6.30 -18.06 13.79
N ASP A 170 -6.97 -19.06 14.35
CA ASP A 170 -6.90 -20.38 13.73
C ASP A 170 -7.67 -20.43 12.43
N TYR A 171 -6.97 -20.37 11.30
CA TYR A 171 -7.67 -20.25 10.04
C TYR A 171 -7.71 -21.59 9.30
N SER A 172 -7.31 -22.64 9.99
CA SER A 172 -7.08 -23.94 9.34
C SER A 172 -8.31 -24.55 8.66
N LYS A 173 -9.50 -24.12 9.05
CA LYS A 173 -10.75 -24.60 8.45
C LYS A 173 -11.60 -23.54 7.74
N ILE A 174 -11.01 -22.39 7.47
CA ILE A 174 -11.59 -21.43 6.53
C ILE A 174 -11.97 -22.04 5.17
N GLU A 175 -13.10 -21.63 4.62
CA GLU A 175 -13.48 -21.97 3.26
C GLU A 175 -13.73 -20.63 2.58
N PRO A 176 -13.71 -20.61 1.26
CA PRO A 176 -13.25 -21.73 0.45
C PRO A 176 -11.73 -21.90 0.55
N LYS A 177 -11.19 -22.95 -0.06
CA LYS A 177 -9.77 -23.28 0.05
C LYS A 177 -8.85 -22.19 -0.51
N ARG A 178 -9.27 -21.54 -1.58
CA ARG A 178 -8.55 -20.42 -2.16
C ARG A 178 -8.23 -19.36 -1.09
N ARG A 179 -9.23 -19.03 -0.27
N ARG A 179 -9.23 -19.04 -0.28
CA ARG A 179 -9.11 -18.03 0.77
CA ARG A 179 -9.10 -18.03 0.76
C ARG A 179 -8.20 -18.50 1.91
C ARG A 179 -8.19 -18.51 1.90
N ARG A 180 -8.36 -19.77 2.30
CA ARG A 180 -7.49 -20.37 3.31
C ARG A 180 -6.03 -20.33 2.83
N ARG A 181 -5.80 -20.67 1.57
CA ARG A 181 -4.46 -20.61 1.01
C ARG A 181 -3.84 -19.23 1.00
N LEU A 182 -4.65 -18.22 0.71
CA LEU A 182 -4.19 -16.85 0.75
C LEU A 182 -3.83 -16.34 2.15
N VAL A 183 -4.69 -16.63 3.11
CA VAL A 183 -4.40 -16.29 4.48
C VAL A 183 -3.08 -16.95 4.90
N ALA A 184 -2.94 -18.24 4.61
CA ALA A 184 -1.67 -18.94 4.93
C ALA A 184 -0.49 -18.29 4.26
N LYS A 185 -0.63 -17.84 3.02
CA LYS A 185 0.47 -17.21 2.31
C LYS A 185 0.85 -15.88 2.93
N ILE A 186 -0.13 -15.12 3.41
CA ILE A 186 0.18 -13.83 4.09
C ILE A 186 0.84 -14.12 5.45
N ASP A 187 0.36 -15.15 6.14
CA ASP A 187 0.94 -15.54 7.45
C ASP A 187 2.39 -15.95 7.22
N GLU A 188 2.64 -16.70 6.15
CA GLU A 188 3.98 -17.05 5.74
C GLU A 188 4.88 -15.87 5.52
N TYR A 189 4.36 -14.90 4.77
CA TYR A 189 5.10 -13.65 4.50
C TYR A 189 5.49 -12.91 5.78
N ASN A 190 4.51 -12.79 6.68
CA ASN A 190 4.79 -12.10 7.94
C ASN A 190 5.90 -12.74 8.75
N HIS A 191 5.87 -14.08 8.79
CA HIS A 191 6.88 -14.82 9.54
C HIS A 191 8.26 -14.72 8.88
N TRP A 192 8.28 -14.74 7.56
CA TRP A 192 9.50 -14.66 6.76
C TRP A 192 10.06 -13.25 6.99
N LEU A 193 9.22 -12.25 6.84
CA LEU A 193 9.72 -10.86 6.84
C LEU A 193 10.15 -10.52 8.29
N MET A 194 9.34 -10.87 9.30
CA MET A 194 9.75 -10.57 10.70
C MET A 194 11.01 -11.28 11.13
N ASN A 195 11.34 -12.42 10.55
CA ASN A 195 12.56 -13.14 10.90
C ASN A 195 13.81 -12.60 10.21
N HIS A 196 13.65 -11.78 9.19
CA HIS A 196 14.75 -11.39 8.31
C HIS A 196 15.78 -10.57 9.08
N PRO A 197 17.04 -11.00 9.13
CA PRO A 197 17.98 -10.24 9.96
C PRO A 197 18.43 -8.95 9.28
N ASP A 198 18.11 -8.70 8.01
CA ASP A 198 18.60 -7.49 7.37
C ASP A 198 17.66 -6.30 7.42
N TYR A 199 16.48 -6.54 8.00
CA TYR A 199 15.48 -5.52 8.13
C TYR A 199 14.97 -5.40 9.57
N GLN A 200 14.57 -4.19 10.00
CA GLN A 200 13.91 -4.00 11.28
C GLN A 200 12.47 -3.82 10.83
N THR A 201 11.54 -4.68 11.25
CA THR A 201 10.16 -4.52 10.84
C THR A 201 9.25 -4.49 12.03
N ALA A 202 8.24 -3.66 11.92
CA ALA A 202 7.14 -3.65 12.87
C ALA A 202 5.81 -3.77 12.17
N ILE A 203 4.93 -4.51 12.81
CA ILE A 203 3.56 -4.65 12.38
C ILE A 203 2.65 -3.68 13.12
N ILE A 204 1.86 -2.98 12.32
CA ILE A 204 0.93 -1.99 12.85
C ILE A 204 -0.49 -2.43 12.60
N PRO A 205 -1.24 -2.75 13.65
CA PRO A 205 -2.59 -3.21 13.44
C PRO A 205 -3.69 -2.14 13.27
N VAL A 206 -3.47 -1.41 12.19
CA VAL A 206 -4.33 -0.30 11.80
C VAL A 206 -4.87 -0.69 10.44
N GLY A 207 -6.15 -0.39 10.23
CA GLY A 207 -6.77 -0.74 8.95
C GLY A 207 -6.62 -2.23 8.70
N ASP A 208 -6.09 -2.56 7.53
CA ASP A 208 -5.96 -3.96 7.13
C ASP A 208 -4.63 -4.55 7.62
N GLY A 209 -3.84 -3.74 8.31
CA GLY A 209 -2.58 -4.16 8.93
C GLY A 209 -1.44 -3.71 8.04
N LEU A 210 -0.44 -3.04 8.60
CA LEU A 210 0.71 -2.47 7.90
C LEU A 210 1.95 -3.15 8.43
N ALA A 211 2.88 -3.49 7.54
CA ALA A 211 4.21 -3.86 8.01
C ALA A 211 5.13 -2.74 7.53
N ILE A 212 5.97 -2.26 8.44
CA ILE A 212 6.94 -1.22 8.14
C ILE A 212 8.32 -1.79 8.36
N SER A 213 9.08 -1.86 7.27
CA SER A 213 10.39 -2.49 7.25
C SER A 213 11.46 -1.52 6.83
N LYS A 214 12.48 -1.39 7.65
CA LYS A 214 13.53 -0.48 7.31
C LYS A 214 14.79 -1.28 7.23
N LYS A 215 15.56 -0.94 6.22
CA LYS A 215 16.72 -1.74 5.88
C LYS A 215 17.79 -1.28 6.80
N LYS A 216 18.42 -2.21 7.50
CA LYS A 216 19.59 -1.80 8.27
C LYS A 216 20.85 -1.44 7.46
N ARG A 217 21.79 -0.74 8.08
CA ARG A 217 23.06 -0.38 7.45
C ARG A 217 23.80 -1.63 7.00
P PO4 C . 1.39 10.17 -15.96
O1 PO4 C . 0.42 10.36 -14.80
O2 PO4 C . 2.72 10.86 -15.65
O3 PO4 C . 1.56 8.68 -16.11
O4 PO4 C . 0.95 10.62 -17.35
N SAM D . -3.19 1.92 -3.25
CA SAM D . -4.58 1.92 -3.71
C SAM D . -5.22 3.09 -3.02
O SAM D . -5.33 3.11 -1.77
OXT SAM D . -5.64 4.06 -3.70
CB SAM D . -5.28 0.59 -3.45
CG SAM D . -4.94 -0.50 -4.48
SD SAM D . -5.87 -1.90 -4.55
CE SAM D . -6.07 -2.49 -2.99
C5' SAM D . -4.97 -3.08 -5.34
C4' SAM D . -4.67 -2.76 -6.80
O4' SAM D . -3.52 -3.52 -7.22
C3' SAM D . -5.79 -3.11 -7.79
O3' SAM D . -6.19 -1.94 -8.53
C2' SAM D . -5.20 -4.17 -8.70
O2' SAM D . -5.65 -4.04 -10.06
C1' SAM D . -3.70 -3.92 -8.59
N9 SAM D . -2.85 -5.12 -8.76
C8 SAM D . -3.07 -6.37 -8.31
N7 SAM D . -2.05 -7.21 -8.61
C5 SAM D . -1.16 -6.47 -9.30
C6 SAM D . 0.14 -6.71 -9.96
N6 SAM D . 0.72 -7.93 -9.97
N1 SAM D . 0.74 -5.65 -10.58
C2 SAM D . 0.19 -4.44 -10.60
N3 SAM D . -0.99 -4.15 -10.06
C4 SAM D . -1.68 -5.10 -9.40
#